data_5ZK1
#
_entry.id   5ZK1
#
_cell.length_a   50.271
_cell.length_b   242.878
_cell.length_c   40.548
_cell.angle_alpha   90.000
_cell.angle_beta   90.000
_cell.angle_gamma   90.000
#
_symmetry.space_group_name_H-M   'C 2 2 21'
#
loop_
_entity.id
_entity.type
_entity.pdbx_description
1 polymer "DNA (5'-D(*CP*TP*TP*GP*GP*CP*TP*GP*AP*CP*GP*TP*CP*AP*GP*CP*CP*AP*AP*G)-3')"
2 polymer 'Cyclic AMP-responsive element-binding protein 1'
3 polymer 'CREB-regulated transcription coactivator 2'
4 non-polymer 'ZINC ION'
#
loop_
_entity_poly.entity_id
_entity_poly.type
_entity_poly.pdbx_seq_one_letter_code
_entity_poly.pdbx_strand_id
1 'polydeoxyribonucleotide' (DC)(DT)(DT)(DG)(DG)(DC)(DT)(DG)(DA)(DC)(DG)(DT)(DC)(DA)(DG)(DC)(DC)(DA)(DA)(DG) B
2 'polypeptide(L)' ARKREVRLMKNREAARESRRKKKEYVKCLENRVAVLENQNKTLIEELKALKDLYSHKSD A
3 'polypeptide(L)' SNPRKFSEKIALQKQRQAEETAAFEEV(MSE)(MSE)DIGSTRLQAQKLR C
#
loop_
_chem_comp.id
_chem_comp.type
_chem_comp.name
_chem_comp.formula
DA DNA linking 2'-DEOXYADENOSINE-5'-MONOPHOSPHATE 'C10 H14 N5 O6 P'
DC DNA linking 2'-DEOXYCYTIDINE-5'-MONOPHOSPHATE 'C9 H14 N3 O7 P'
DG DNA linking 2'-DEOXYGUANOSINE-5'-MONOPHOSPHATE 'C10 H14 N5 O7 P'
DT DNA linking THYMIDINE-5'-MONOPHOSPHATE 'C10 H15 N2 O8 P'
ZN non-polymer 'ZINC ION' 'Zn 2'
#
# COMPACT_ATOMS: atom_id res chain seq x y z
N LYS B 3 -28.05 8.76 34.10
CA LYS B 3 -27.42 7.89 33.10
C LYS B 3 -27.04 8.67 31.85
N ARG B 4 -27.55 9.89 31.72
CA ARG B 4 -27.20 10.72 30.56
C ARG B 4 -25.77 11.22 30.66
N GLU B 5 -25.25 11.39 31.88
CA GLU B 5 -23.88 11.84 32.06
C GLU B 5 -22.89 10.83 31.50
N VAL B 6 -23.08 9.55 31.84
CA VAL B 6 -22.25 8.50 31.24
C VAL B 6 -22.57 8.34 29.77
N ARG B 7 -23.82 8.64 29.36
CA ARG B 7 -24.19 8.58 27.95
C ARG B 7 -23.44 9.62 27.13
N LEU B 8 -23.00 10.72 27.76
CA LEU B 8 -22.12 11.66 27.09
C LEU B 8 -20.64 11.33 27.30
N MET B 9 -20.30 10.71 28.43
CA MET B 9 -18.91 10.34 28.69
C MET B 9 -18.41 9.30 27.69
N LYS B 10 -19.21 8.26 27.45
CA LYS B 10 -18.79 7.25 26.48
C LYS B 10 -18.67 7.82 25.08
N ASN B 11 -19.50 8.81 24.74
CA ASN B 11 -19.36 9.47 23.45
C ASN B 11 -18.08 10.29 23.38
N ARG B 12 -17.77 11.02 24.46
CA ARG B 12 -16.51 11.77 24.54
C ARG B 12 -15.32 10.84 24.33
N GLU B 13 -15.31 9.71 25.04
CA GLU B 13 -14.21 8.76 24.90
C GLU B 13 -14.15 8.17 23.49
N ALA B 14 -15.32 7.91 22.88
CA ALA B 14 -15.33 7.33 21.54
C ALA B 14 -14.81 8.30 20.50
N ALA B 15 -15.04 9.61 20.69
CA ALA B 15 -14.52 10.59 19.74
C ALA B 15 -13.00 10.53 19.66
N ARG B 16 -12.33 10.36 20.81
CA ARG B 16 -10.87 10.29 20.81
C ARG B 16 -10.37 9.15 19.95
N GLU B 17 -10.86 7.93 20.21
CA GLU B 17 -10.43 6.78 19.42
C GLU B 17 -10.82 6.94 17.95
N SER B 18 -11.92 7.61 17.66
CA SER B 18 -12.29 7.87 16.27
C SER B 18 -11.29 8.78 15.58
N ARG B 19 -10.85 9.84 16.27
CA ARG B 19 -9.81 10.70 15.71
C ARG B 19 -8.51 9.94 15.51
N ARG B 20 -8.10 9.15 16.52
CA ARG B 20 -6.89 8.36 16.41
C ARG B 20 -6.94 7.47 15.17
N LYS B 21 -8.04 6.72 15.00
CA LYS B 21 -8.17 5.86 13.82
C LYS B 21 -8.21 6.68 12.53
N LYS B 22 -8.75 7.89 12.58
CA LYS B 22 -8.77 8.75 11.39
C LYS B 22 -7.36 9.12 10.96
N LYS B 23 -6.60 9.76 11.87
CA LYS B 23 -5.24 10.16 11.54
C LYS B 23 -4.38 8.96 11.15
N GLU B 24 -4.50 7.86 11.90
CA GLU B 24 -3.77 6.64 11.55
C GLU B 24 -4.11 6.17 10.15
N TYR B 25 -5.40 6.24 9.79
CA TYR B 25 -5.82 5.80 8.47
C TYR B 25 -5.26 6.69 7.36
N VAL B 26 -5.20 8.00 7.62
CA VAL B 26 -4.62 8.91 6.63
C VAL B 26 -3.13 8.64 6.45
N LYS B 27 -2.41 8.46 7.57
CA LYS B 27 -1.00 8.10 7.47
C LYS B 27 -0.82 6.81 6.69
N CYS B 28 -1.72 5.84 6.89
CA CYS B 28 -1.65 4.61 6.11
C CYS B 28 -1.82 4.88 4.63
N LEU B 29 -2.81 5.71 4.26
CA LEU B 29 -3.00 6.05 2.85
C LEU B 29 -1.75 6.67 2.25
N GLU B 30 -1.20 7.68 2.92
CA GLU B 30 -0.01 8.35 2.39
C GLU B 30 1.15 7.38 2.24
N ASN B 31 1.38 6.54 3.26
CA ASN B 31 2.39 5.49 3.15
C ASN B 31 2.17 4.64 1.91
N ARG B 32 0.92 4.21 1.69
CA ARG B 32 0.60 3.38 0.54
C ARG B 32 0.90 4.12 -0.76
N VAL B 33 0.64 5.43 -0.79
CA VAL B 33 0.93 6.23 -1.98
C VAL B 33 2.43 6.23 -2.25
N ALA B 34 3.23 6.49 -1.23
CA ALA B 34 4.68 6.50 -1.41
C ALA B 34 5.18 5.15 -1.93
N VAL B 35 4.72 4.06 -1.31
CA VAL B 35 5.10 2.72 -1.77
C VAL B 35 4.75 2.54 -3.24
N LEU B 36 3.52 2.91 -3.61
CA LEU B 36 3.09 2.73 -4.99
C LEU B 36 3.89 3.60 -5.95
N GLU B 37 4.34 4.78 -5.49
CA GLU B 37 5.18 5.63 -6.31
C GLU B 37 6.53 4.98 -6.59
N ASN B 38 7.17 4.45 -5.53
CA ASN B 38 8.46 3.79 -5.71
C ASN B 38 8.32 2.56 -6.62
N GLN B 39 7.30 1.75 -6.37
CA GLN B 39 7.07 0.59 -7.23
C GLN B 39 6.87 1.00 -8.69
N ASN B 40 6.09 2.07 -8.92
CA ASN B 40 5.88 2.55 -10.28
C ASN B 40 7.20 2.98 -10.93
N LYS B 41 8.00 3.77 -10.22
CA LYS B 41 9.26 4.23 -10.79
C LYS B 41 10.16 3.05 -11.14
N THR B 42 10.25 2.06 -10.25
CA THR B 42 11.09 0.89 -10.52
C THR B 42 10.60 0.11 -11.73
N LEU B 43 9.30 -0.16 -11.79
CA LEU B 43 8.75 -0.89 -12.93
C LEU B 43 9.00 -0.14 -14.24
N ILE B 44 8.77 1.17 -14.25
CA ILE B 44 8.98 1.95 -15.47
C ILE B 44 10.44 1.91 -15.90
N GLU B 45 11.37 2.02 -14.94
CA GLU B 45 12.78 1.95 -15.29
C GLU B 45 13.14 0.59 -15.87
N GLU B 46 12.59 -0.49 -15.29
CA GLU B 46 12.88 -1.82 -15.83
C GLU B 46 12.29 -2.00 -17.22
N LEU B 47 11.12 -1.42 -17.48
CA LEU B 47 10.55 -1.46 -18.82
C LEU B 47 11.45 -0.72 -19.80
N LYS B 48 11.94 0.47 -19.43
CA LYS B 48 12.87 1.18 -20.29
C LYS B 48 14.11 0.34 -20.58
N ALA B 49 14.63 -0.36 -19.57
CA ALA B 49 15.81 -1.19 -19.76
C ALA B 49 15.53 -2.33 -20.73
N LEU B 50 14.41 -3.03 -20.54
CA LEU B 50 14.10 -4.17 -21.41
C LEU B 50 13.78 -3.71 -22.83
N LYS B 51 13.22 -2.51 -23.00
CA LYS B 51 13.00 -1.99 -24.34
C LYS B 51 14.33 -1.63 -25.01
N ASP B 52 15.26 -1.04 -24.25
CA ASP B 52 16.59 -0.80 -24.79
C ASP B 52 17.36 -2.09 -25.04
N LEU B 53 16.92 -3.21 -24.46
CA LEU B 53 17.60 -4.47 -24.68
C LEU B 53 17.46 -4.96 -26.12
N TYR B 54 16.38 -4.57 -26.80
CA TYR B 54 16.16 -5.02 -28.17
C TYR B 54 16.99 -4.22 -29.18
N SER B 55 17.31 -2.97 -28.87
CA SER B 55 18.07 -2.13 -29.77
C SER B 55 19.49 -2.65 -29.97
N ASN C 2 -17.85 2.15 0.50
CA ASN C 2 -16.81 1.53 1.30
C ASN C 2 -17.22 1.48 2.78
N PRO C 3 -16.69 0.50 3.52
CA PRO C 3 -17.09 0.33 4.92
C PRO C 3 -16.76 1.58 5.74
N ARG C 4 -17.66 1.90 6.67
CA ARG C 4 -17.51 3.12 7.46
C ARG C 4 -16.36 3.01 8.45
N LYS C 5 -16.31 1.90 9.19
CA LYS C 5 -15.35 1.76 10.29
C LYS C 5 -13.92 1.77 9.74
N PHE C 6 -13.06 2.59 10.36
CA PHE C 6 -11.71 2.78 9.83
C PHE C 6 -10.87 1.53 9.94
N SER C 7 -11.18 0.65 10.90
CA SER C 7 -10.44 -0.61 10.98
C SER C 7 -10.57 -1.40 9.68
N GLU C 8 -11.75 -1.35 9.06
CA GLU C 8 -11.94 -2.07 7.81
C GLU C 8 -11.25 -1.38 6.64
N LYS C 9 -11.18 -0.05 6.66
CA LYS C 9 -10.47 0.67 5.61
C LYS C 9 -8.97 0.40 5.68
N ILE C 10 -8.40 0.49 6.88
CA ILE C 10 -6.99 0.17 7.07
C ILE C 10 -6.72 -1.29 6.72
N ALA C 11 -7.64 -2.18 7.09
CA ALA C 11 -7.48 -3.59 6.75
C ALA C 11 -7.44 -3.79 5.24
N LEU C 12 -8.35 -3.11 4.52
CA LEU C 12 -8.35 -3.22 3.06
C LEU C 12 -7.06 -2.69 2.46
N GLN C 13 -6.63 -1.50 2.90
CA GLN C 13 -5.43 -0.90 2.32
C GLN C 13 -4.20 -1.74 2.59
N LYS C 14 -4.07 -2.27 3.81
CA LYS C 14 -2.89 -3.07 4.12
C LYS C 14 -2.91 -4.41 3.41
N GLN C 15 -4.09 -5.02 3.28
CA GLN C 15 -4.19 -6.30 2.58
C GLN C 15 -3.87 -6.12 1.10
N ARG C 16 -4.51 -5.14 0.45
CA ARG C 16 -4.20 -4.85 -0.95
C ARG C 16 -2.73 -4.52 -1.14
N GLN C 17 -2.15 -3.73 -0.24
CA GLN C 17 -0.74 -3.36 -0.35
C GLN C 17 0.15 -4.58 -0.21
N ALA C 18 -0.17 -5.49 0.69
CA ALA C 18 0.61 -6.71 0.84
C ALA C 18 0.50 -7.59 -0.39
N GLU C 19 -0.68 -7.64 -1.01
CA GLU C 19 -0.87 -8.46 -2.19
C GLU C 19 -0.10 -7.89 -3.39
N GLU C 20 -0.24 -6.59 -3.62
CA GLU C 20 0.47 -5.94 -4.73
C GLU C 20 1.98 -5.99 -4.53
N THR C 21 2.42 -5.85 -3.27
CA THR C 21 3.84 -5.98 -2.99
C THR C 21 4.33 -7.41 -3.18
N ALA C 22 3.48 -8.40 -2.88
CA ALA C 22 3.84 -9.78 -3.13
C ALA C 22 4.03 -10.05 -4.61
N ALA C 23 3.04 -9.65 -5.44
CA ALA C 23 3.16 -9.86 -6.88
C ALA C 23 4.32 -9.09 -7.47
N PHE C 24 4.55 -7.86 -6.98
CA PHE C 24 5.65 -7.05 -7.47
C PHE C 24 6.99 -7.68 -7.14
N GLU C 25 7.16 -8.13 -5.90
CA GLU C 25 8.40 -8.79 -5.50
C GLU C 25 8.63 -10.06 -6.30
N GLU C 26 7.59 -10.87 -6.50
CA GLU C 26 7.75 -12.07 -7.32
C GLU C 26 8.15 -11.72 -8.74
N VAL C 27 7.60 -10.64 -9.28
CA VAL C 27 7.91 -10.27 -10.67
C VAL C 27 9.34 -9.80 -10.79
N MSE C 28 9.85 -9.08 -9.79
CA MSE C 28 11.20 -8.54 -9.87
C MSE C 28 12.29 -9.57 -9.59
O MSE C 28 13.47 -9.30 -9.77
CB MSE C 28 11.36 -7.37 -8.90
CG MSE C 28 10.72 -6.09 -9.41
SE MSE C 28 11.33 -5.69 -11.20
CE MSE C 28 10.83 -3.82 -11.29
N MSE C 29 11.89 -10.76 -9.15
CA MSE C 29 12.86 -11.82 -8.86
C MSE C 29 13.48 -12.41 -10.12
O MSE C 29 14.53 -13.03 -10.06
CB MSE C 29 12.21 -12.92 -8.03
CG MSE C 29 11.95 -12.56 -6.58
SE MSE C 29 13.57 -12.45 -5.49
CE MSE C 29 14.01 -10.56 -5.75
N ASP C 30 12.82 -12.22 -11.27
CA ASP C 30 13.24 -12.92 -12.48
C ASP C 30 13.71 -11.96 -13.56
N ILE C 31 14.63 -11.05 -13.24
CA ILE C 31 15.22 -10.17 -14.23
C ILE C 31 16.65 -10.61 -14.54
N GLY C 32 17.31 -11.26 -13.58
CA GLY C 32 18.64 -11.80 -13.83
C GLY C 32 18.62 -12.87 -14.91
N SER C 33 17.80 -13.91 -14.70
CA SER C 33 17.67 -14.95 -15.71
C SER C 33 17.10 -14.38 -17.01
N THR C 34 16.35 -13.28 -16.92
CA THR C 34 15.85 -12.63 -18.12
C THR C 34 16.99 -12.08 -18.96
N ARG C 35 17.89 -11.32 -18.34
CA ARG C 35 19.01 -10.75 -19.07
C ARG C 35 20.08 -11.79 -19.43
N LEU C 36 20.15 -12.90 -18.68
CA LEU C 36 21.07 -13.97 -19.04
C LEU C 36 20.57 -14.74 -20.25
N GLN C 37 19.31 -15.20 -20.21
CA GLN C 37 18.77 -15.92 -21.35
C GLN C 37 18.54 -15.02 -22.55
N ALA C 38 18.47 -13.70 -22.36
CA ALA C 38 18.26 -12.80 -23.48
C ALA C 38 19.51 -12.65 -24.34
N GLN C 39 20.70 -12.85 -23.76
CA GLN C 39 21.92 -12.67 -24.52
C GLN C 39 22.34 -13.92 -25.29
N LYS C 40 21.89 -15.10 -24.86
CA LYS C 40 22.27 -16.34 -25.52
C LYS C 40 21.41 -16.59 -26.76
ZN ZN D . -12.28 16.36 12.09
#